data_6N5X
#
_entry.id   6N5X
#
_cell.length_a   48.653
_cell.length_b   64.730
_cell.length_c   69.251
_cell.angle_alpha   90.00
_cell.angle_beta   90.00
_cell.angle_gamma   90.00
#
_symmetry.space_group_name_H-M   'P 21 21 21'
#
loop_
_entity.id
_entity.type
_entity.pdbx_description
1 polymer 'Sorting nexin-5,Cation-independent mannose-6-phosphate receptor'
2 non-polymer GLYCEROL
3 non-polymer "O-(O-(2-AMINOPROPYL)-O'-(2-METHOXYETHYL)POLYPROPYLENE GLYCOL 500)"
4 water water
#
_entity_poly.entity_id   1
_entity_poly.type   'polypeptide(L)'
_entity_poly.pdbx_seq_one_letter_code
;GSSVDLNVDPSLQIDIPDALSERDKVKFTVHTKTTLPTFQSPEFSVTRQHEDFVWLHDTLIETTDYAGLIIPPAPTKPDF
DGPREKMQKLGEGEGSMTKEEFAKMKQELEAEYLAVFKKTVSSHEVFLQRLSSHPVLSKDRNFHVFLEYDQSNVSYKYSK
VNKEEETDENETEWLMEEIQLP
;
_entity_poly.pdbx_strand_id   A
#
loop_
_chem_comp.id
_chem_comp.type
_chem_comp.name
_chem_comp.formula
GOL non-polymer GLYCEROL 'C3 H8 O3'
JEF non-polymer 'O-(O-(2-AMINOPROPYL)-O'-(2-METHOXYETHYL)POLYPROPYLENE GLYCOL 500)' 'C30 H63 N O10'
#
# COMPACT_ATOMS: atom_id res chain seq x y z
N ASP A 9 -12.04 3.49 16.14
CA ASP A 9 -11.42 2.16 16.24
C ASP A 9 -12.26 1.10 15.53
N PRO A 10 -13.41 0.73 16.12
CA PRO A 10 -14.23 -0.30 15.49
C PRO A 10 -14.79 0.14 14.16
N SER A 11 -14.87 1.45 13.94
CA SER A 11 -15.52 2.01 12.78
C SER A 11 -14.70 1.81 11.50
N LEU A 12 -13.37 1.76 11.62
CA LEU A 12 -12.51 1.63 10.45
C LEU A 12 -11.34 0.72 10.84
N GLN A 13 -11.36 -0.51 10.34
CA GLN A 13 -10.37 -1.52 10.67
C GLN A 13 -9.54 -1.82 9.42
N ILE A 14 -8.22 -1.70 9.56
CA ILE A 14 -7.30 -1.87 8.45
C ILE A 14 -6.24 -2.89 8.84
N ASP A 15 -5.88 -3.75 7.89
CA ASP A 15 -4.78 -4.68 8.08
C ASP A 15 -4.12 -4.97 6.74
N ILE A 16 -2.92 -5.53 6.79
CA ILE A 16 -2.21 -6.00 5.61
C ILE A 16 -2.10 -7.52 5.70
N PRO A 17 -3.05 -8.25 5.09
CA PRO A 17 -3.04 -9.71 5.23
C PRO A 17 -1.93 -10.42 4.47
N ASP A 18 -1.38 -9.81 3.41
CA ASP A 18 -0.36 -10.48 2.63
C ASP A 18 0.47 -9.46 1.89
N ALA A 19 1.68 -9.86 1.52
CA ALA A 19 2.60 -9.01 0.79
C ALA A 19 3.41 -9.88 -0.15
N LEU A 20 4.00 -9.26 -1.16
CA LEU A 20 4.74 -9.96 -2.20
C LEU A 20 6.11 -9.34 -2.36
N SER A 21 7.14 -10.18 -2.34
CA SER A 21 8.51 -9.75 -2.58
C SER A 21 8.92 -10.24 -3.96
N GLU A 22 9.13 -9.31 -4.88
CA GLU A 22 9.71 -9.60 -6.18
C GLU A 22 11.10 -8.97 -6.25
N ARG A 23 11.84 -9.37 -7.28
CA ARG A 23 13.21 -8.89 -7.43
C ARG A 23 13.28 -7.38 -7.35
N ASP A 24 12.39 -6.69 -8.08
CA ASP A 24 12.43 -5.24 -8.19
C ASP A 24 11.31 -4.53 -7.44
N LYS A 25 10.45 -5.24 -6.72
CA LYS A 25 9.25 -4.62 -6.16
C LYS A 25 8.81 -5.34 -4.89
N VAL A 26 8.13 -4.59 -4.03
CA VAL A 26 7.41 -5.13 -2.88
C VAL A 26 6.00 -4.57 -2.91
N LYS A 27 5.00 -5.45 -2.87
CA LYS A 27 3.60 -5.05 -2.94
C LYS A 27 2.87 -5.49 -1.67
N PHE A 28 1.98 -4.64 -1.19
CA PHE A 28 1.19 -4.90 0.01
C PHE A 28 -0.29 -4.95 -0.37
N THR A 29 -0.99 -5.96 0.14
CA THR A 29 -2.45 -5.97 0.10
C THR A 29 -2.95 -5.17 1.31
N VAL A 30 -3.66 -4.09 1.05
CA VAL A 30 -4.25 -3.27 2.11
C VAL A 30 -5.74 -3.60 2.17
N HIS A 31 -6.17 -4.13 3.30
CA HIS A 31 -7.53 -4.64 3.47
C HIS A 31 -8.27 -3.79 4.49
N THR A 32 -9.47 -3.36 4.14
CA THR A 32 -10.25 -2.45 4.97
C THR A 32 -11.63 -3.02 5.25
N LYS A 33 -12.05 -2.90 6.51
CA LYS A 33 -13.41 -3.15 6.93
C LYS A 33 -13.93 -1.91 7.63
N THR A 34 -15.08 -1.40 7.20
CA THR A 34 -15.57 -0.14 7.73
C THR A 34 -17.09 -0.11 7.75
N THR A 35 -17.63 0.64 8.71
CA THR A 35 -19.03 0.99 8.74
C THR A 35 -19.29 2.39 8.21
N LEU A 36 -18.23 3.11 7.84
CA LEU A 36 -18.37 4.54 7.60
C LEU A 36 -19.19 4.81 6.33
N PRO A 37 -20.10 5.79 6.36
CA PRO A 37 -20.95 6.03 5.18
C PRO A 37 -20.15 6.47 3.97
N THR A 38 -19.00 7.11 4.19
CA THR A 38 -18.21 7.73 3.14
C THR A 38 -17.63 6.72 2.14
N PHE A 39 -17.44 5.47 2.53
CA PHE A 39 -16.79 4.49 1.67
C PHE A 39 -17.79 3.79 0.77
N GLN A 40 -17.38 3.53 -0.47
CA GLN A 40 -18.25 2.87 -1.44
C GLN A 40 -18.71 1.51 -0.93
N SER A 41 -17.85 0.78 -0.24
CA SER A 41 -18.12 -0.58 0.18
C SER A 41 -17.72 -0.79 1.63
N PRO A 42 -18.35 -1.77 2.31
CA PRO A 42 -18.03 -2.05 3.71
C PRO A 42 -16.70 -2.79 3.89
N GLU A 43 -16.31 -3.58 2.90
CA GLU A 43 -15.07 -4.33 2.95
C GLU A 43 -14.43 -4.32 1.58
N PHE A 44 -13.12 -4.08 1.52
CA PHE A 44 -12.43 -3.99 0.24
C PHE A 44 -10.92 -4.14 0.47
N SER A 45 -10.24 -4.52 -0.61
CA SER A 45 -8.78 -4.67 -0.60
C SER A 45 -8.20 -4.01 -1.85
N VAL A 46 -7.03 -3.39 -1.68
CA VAL A 46 -6.28 -2.81 -2.79
C VAL A 46 -4.83 -3.21 -2.66
N THR A 47 -4.07 -3.02 -3.74
CA THR A 47 -2.65 -3.30 -3.78
C THR A 47 -1.88 -1.99 -3.77
N ARG A 48 -0.89 -1.89 -2.88
CA ARG A 48 -0.13 -0.66 -2.71
C ARG A 48 1.34 -0.99 -2.54
N GLN A 49 2.18 -0.06 -2.98
CA GLN A 49 3.63 -0.16 -2.84
C GLN A 49 4.11 0.94 -1.90
N HIS A 50 5.37 0.81 -1.46
CA HIS A 50 5.89 1.74 -0.46
C HIS A 50 5.70 3.19 -0.89
N GLU A 51 5.94 3.47 -2.17
CA GLU A 51 5.86 4.85 -2.64
C GLU A 51 4.47 5.42 -2.46
N ASP A 52 3.44 4.57 -2.50
CA ASP A 52 2.09 5.05 -2.24
C ASP A 52 1.93 5.46 -0.77
N PHE A 53 2.51 4.68 0.15
CA PHE A 53 2.53 5.08 1.55
C PHE A 53 3.25 6.41 1.72
N VAL A 54 4.40 6.56 1.07
CA VAL A 54 5.17 7.81 1.19
C VAL A 54 4.37 8.98 0.64
N TRP A 55 3.67 8.77 -0.47
CA TRP A 55 2.81 9.82 -1.00
C TRP A 55 1.77 10.25 0.02
N LEU A 56 1.10 9.28 0.65
CA LEU A 56 0.08 9.60 1.64
C LEU A 56 0.68 10.40 2.79
N HIS A 57 1.82 9.97 3.31
CA HIS A 57 2.45 10.69 4.41
C HIS A 57 2.81 12.11 4.00
N ASP A 58 3.43 12.27 2.84
CA ASP A 58 3.78 13.61 2.36
C ASP A 58 2.55 14.49 2.25
N THR A 59 1.45 13.93 1.77
CA THR A 59 0.22 14.71 1.60
C THR A 59 -0.30 15.19 2.95
N LEU A 60 -0.32 14.32 3.95
CA LEU A 60 -0.81 14.71 5.27
C LEU A 60 0.10 15.76 5.90
N ILE A 61 1.42 15.63 5.70
CA ILE A 61 2.36 16.58 6.27
C ILE A 61 2.14 17.97 5.67
N GLU A 62 1.84 18.03 4.37
CA GLU A 62 1.69 19.29 3.67
C GLU A 62 0.32 19.93 3.88
N THR A 63 -0.58 19.28 4.63
CA THR A 63 -1.91 19.81 4.84
C THR A 63 -1.87 20.84 5.98
N THR A 64 -2.28 22.07 5.66
CA THR A 64 -2.18 23.18 6.62
C THR A 64 -3.05 22.90 7.85
N ASP A 65 -4.26 22.38 7.64
CA ASP A 65 -5.16 22.14 8.77
C ASP A 65 -4.52 21.26 9.83
N TYR A 66 -3.65 20.34 9.43
CA TYR A 66 -3.08 19.36 10.36
C TYR A 66 -1.84 19.89 11.07
N ALA A 67 -1.51 21.16 10.91
CA ALA A 67 -0.46 21.75 11.74
C ALA A 67 -0.85 21.65 13.21
N GLY A 68 0.14 21.37 14.06
CA GLY A 68 -0.13 21.11 15.46
C GLY A 68 -0.63 19.71 15.75
N LEU A 69 -0.86 18.89 14.72
CA LEU A 69 -1.18 17.49 14.90
C LEU A 69 0.07 16.64 14.81
N ILE A 70 0.08 15.54 15.54
CA ILE A 70 1.14 14.55 15.46
C ILE A 70 0.78 13.58 14.33
N ILE A 71 1.54 13.62 13.25
CA ILE A 71 1.30 12.74 12.11
C ILE A 71 2.04 11.44 12.32
N PRO A 72 1.42 10.28 12.11
CA PRO A 72 2.14 9.01 12.24
C PRO A 72 3.34 8.96 11.31
N PRO A 73 4.52 8.57 11.81
CA PRO A 73 5.68 8.50 10.92
C PRO A 73 5.45 7.56 9.75
N ALA A 74 6.11 7.85 8.63
CA ALA A 74 5.96 7.01 7.46
C ALA A 74 6.58 5.63 7.72
N PRO A 75 6.10 4.60 7.03
CA PRO A 75 6.74 3.29 7.17
C PRO A 75 8.18 3.34 6.70
N THR A 76 8.97 2.36 7.15
CA THR A 76 10.33 2.23 6.67
C THR A 76 10.35 1.56 5.31
N LYS A 77 11.35 1.91 4.52
CA LYS A 77 11.47 1.38 3.17
C LYS A 77 11.67 -0.13 3.22
N PRO A 78 10.96 -0.92 2.41
CA PRO A 78 11.23 -2.37 2.39
C PRO A 78 12.61 -2.66 1.84
N ASP A 79 13.32 -3.57 2.50
CA ASP A 79 14.68 -3.93 2.09
C ASP A 79 14.84 -5.44 2.22
N PHE A 80 14.82 -6.14 1.08
CA PHE A 80 15.05 -7.57 1.02
C PHE A 80 16.45 -7.90 0.50
N ASP A 81 17.38 -6.93 0.56
CA ASP A 81 18.72 -7.14 0.00
C ASP A 81 19.44 -8.29 0.71
N GLY A 82 19.34 -8.36 2.04
CA GLY A 82 20.03 -9.37 2.79
C GLY A 82 19.65 -10.78 2.35
N PRO A 83 18.36 -11.11 2.44
CA PRO A 83 17.94 -12.45 2.01
C PRO A 83 18.25 -12.74 0.56
N ARG A 84 18.08 -11.76 -0.33
CA ARG A 84 18.31 -12.00 -1.75
C ARG A 84 19.79 -12.20 -2.06
N GLU A 85 20.68 -11.57 -1.29
CA GLU A 85 22.10 -11.87 -1.43
C GLU A 85 22.42 -13.29 -0.99
N LYS A 86 21.87 -13.70 0.16
CA LYS A 86 22.10 -15.07 0.62
C LYS A 86 21.51 -16.09 -0.34
N MET A 87 20.35 -15.78 -0.93
CA MET A 87 19.75 -16.68 -1.90
C MET A 87 20.70 -16.94 -3.06
N GLN A 88 21.37 -15.89 -3.54
CA GLN A 88 22.31 -16.04 -4.64
C GLN A 88 23.51 -16.88 -4.22
N LYS A 89 24.11 -16.54 -3.09
CA LYS A 89 25.30 -17.26 -2.63
C LYS A 89 24.98 -18.73 -2.36
N LEU A 90 23.79 -19.01 -1.82
CA LEU A 90 23.40 -20.40 -1.62
C LEU A 90 23.29 -21.12 -2.96
N GLY A 91 22.78 -20.44 -3.99
CA GLY A 91 22.70 -21.06 -5.30
C GLY A 91 24.08 -21.38 -5.86
N GLU A 92 25.05 -20.48 -5.64
CA GLU A 92 26.39 -20.71 -6.15
C GLU A 92 26.98 -22.00 -5.58
N GLY A 93 26.69 -22.29 -4.31
CA GLY A 93 27.31 -23.41 -3.62
C GLY A 93 26.51 -24.69 -3.60
N GLU A 94 25.41 -24.77 -4.34
CA GLU A 94 24.54 -25.95 -4.29
C GLU A 94 25.34 -27.21 -4.62
N GLY A 95 26.32 -27.11 -5.51
CA GLY A 95 27.12 -28.26 -5.86
C GLY A 95 28.00 -28.76 -4.73
N SER A 96 28.36 -27.87 -3.79
CA SER A 96 29.31 -28.19 -2.74
C SER A 96 28.64 -28.70 -1.46
N MET A 97 27.34 -28.99 -1.50
CA MET A 97 26.58 -29.30 -0.29
C MET A 97 25.83 -30.62 -0.47
N THR A 98 25.56 -31.29 0.65
CA THR A 98 24.68 -32.44 0.62
C THR A 98 23.23 -31.96 0.47
N LYS A 99 22.34 -32.93 0.24
CA LYS A 99 20.91 -32.64 0.22
C LYS A 99 20.45 -32.08 1.55
N GLU A 100 20.93 -32.65 2.67
CA GLU A 100 20.46 -32.23 3.98
C GLU A 100 21.04 -30.89 4.38
N GLU A 101 22.32 -30.64 4.07
CA GLU A 101 22.92 -29.35 4.38
C GLU A 101 22.22 -28.23 3.62
N PHE A 102 21.97 -28.45 2.33
CA PHE A 102 21.33 -27.43 1.49
C PHE A 102 19.94 -27.10 2.02
N ALA A 103 19.14 -28.14 2.32
CA ALA A 103 17.78 -27.91 2.80
C ALA A 103 17.78 -27.15 4.12
N LYS A 104 18.70 -27.48 5.03
CA LYS A 104 18.81 -26.72 6.27
C LYS A 104 19.03 -25.24 5.97
N MET A 105 19.97 -24.96 5.07
CA MET A 105 20.30 -23.57 4.75
C MET A 105 19.16 -22.89 4.00
N LYS A 106 18.39 -23.64 3.22
CA LYS A 106 17.20 -23.07 2.62
C LYS A 106 16.16 -22.72 3.69
N GLN A 107 16.09 -23.54 4.75
CA GLN A 107 15.21 -23.23 5.86
C GLN A 107 15.61 -21.92 6.53
N GLU A 108 16.91 -21.76 6.81
CA GLU A 108 17.37 -20.52 7.41
C GLU A 108 17.11 -19.32 6.51
N LEU A 109 17.31 -19.50 5.20
CA LEU A 109 17.03 -18.42 4.26
C LEU A 109 15.57 -18.03 4.30
N GLU A 110 14.67 -19.00 4.30
CA GLU A 110 13.24 -18.70 4.37
C GLU A 110 12.89 -18.06 5.70
N ALA A 111 13.56 -18.46 6.77
CA ALA A 111 13.34 -17.80 8.06
C ALA A 111 13.75 -16.33 8.00
N GLU A 112 14.78 -16.01 7.23
CA GLU A 112 15.21 -14.62 7.13
C GLU A 112 14.23 -13.79 6.30
N TYR A 113 13.79 -14.32 5.14
CA TYR A 113 12.72 -13.67 4.40
C TYR A 113 11.53 -13.40 5.31
N LEU A 114 11.17 -14.38 6.13
CA LEU A 114 10.00 -14.25 6.99
C LEU A 114 10.19 -13.13 8.00
N ALA A 115 11.39 -13.01 8.58
CA ALA A 115 11.65 -11.95 9.54
C ALA A 115 11.57 -10.58 8.88
N VAL A 116 12.08 -10.46 7.65
CA VAL A 116 12.02 -9.19 6.93
C VAL A 116 10.57 -8.82 6.63
N PHE A 117 9.82 -9.76 6.07
CA PHE A 117 8.39 -9.55 5.83
C PHE A 117 7.69 -9.09 7.11
N LYS A 118 7.90 -9.82 8.20
CA LYS A 118 7.22 -9.50 9.45
C LYS A 118 7.46 -8.05 9.85
N LYS A 119 8.69 -7.59 9.71
CA LYS A 119 9.05 -6.25 10.18
C LYS A 119 8.49 -5.17 9.27
N THR A 120 8.59 -5.35 7.94
CA THR A 120 8.15 -4.30 7.02
C THR A 120 6.62 -4.26 6.91
N VAL A 121 5.96 -5.42 6.96
CA VAL A 121 4.50 -5.43 6.96
C VAL A 121 3.98 -4.72 8.19
N SER A 122 4.58 -4.98 9.35
CA SER A 122 4.15 -4.32 10.58
C SER A 122 4.34 -2.82 10.48
N SER A 123 5.47 -2.38 9.92
CA SER A 123 5.73 -0.95 9.80
C SER A 123 4.68 -0.27 8.93
N HIS A 124 4.33 -0.88 7.80
CA HIS A 124 3.34 -0.29 6.91
C HIS A 124 1.93 -0.40 7.51
N GLU A 125 1.65 -1.52 8.18
CA GLU A 125 0.33 -1.73 8.75
C GLU A 125 0.05 -0.78 9.91
N VAL A 126 1.03 -0.61 10.81
CA VAL A 126 0.85 0.26 11.97
C VAL A 126 0.58 1.69 11.52
N PHE A 127 1.29 2.16 10.49
CA PHE A 127 1.07 3.50 9.96
C PHE A 127 -0.39 3.71 9.60
N LEU A 128 -0.99 2.77 8.89
CA LEU A 128 -2.40 2.89 8.50
C LEU A 128 -3.31 2.78 9.71
N GLN A 129 -2.97 1.92 10.67
CA GLN A 129 -3.82 1.73 11.83
C GLN A 129 -3.80 2.96 12.73
N ARG A 130 -2.65 3.63 12.84
CA ARG A 130 -2.59 4.87 13.60
C ARG A 130 -3.47 5.94 12.96
N LEU A 131 -3.45 6.04 11.63
CA LEU A 131 -4.34 6.98 10.95
C LEU A 131 -5.79 6.60 11.17
N SER A 132 -6.12 5.32 11.11
CA SER A 132 -7.50 4.88 11.27
C SER A 132 -8.05 5.19 12.66
N SER A 133 -7.19 5.33 13.66
CA SER A 133 -7.61 5.61 15.02
C SER A 133 -7.54 7.08 15.37
N HIS A 134 -7.12 7.93 14.45
CA HIS A 134 -7.00 9.36 14.76
C HIS A 134 -8.33 10.05 14.46
N PRO A 135 -8.91 10.77 15.43
CA PRO A 135 -10.25 11.34 15.19
C PRO A 135 -10.30 12.26 13.97
N VAL A 136 -9.21 12.96 13.66
CA VAL A 136 -9.19 13.88 12.52
C VAL A 136 -8.67 13.16 11.29
N LEU A 137 -7.48 12.57 11.39
CA LEU A 137 -6.79 12.05 10.22
C LEU A 137 -7.54 10.89 9.58
N SER A 138 -8.35 10.17 10.36
CA SER A 138 -9.12 9.05 9.79
C SER A 138 -10.14 9.54 8.77
N LYS A 139 -10.47 10.83 8.76
CA LYS A 139 -11.42 11.38 7.81
C LYS A 139 -10.76 11.93 6.55
N ASP A 140 -9.42 12.01 6.51
CA ASP A 140 -8.74 12.68 5.41
C ASP A 140 -9.10 12.04 4.07
N ARG A 141 -9.35 12.87 3.06
CA ARG A 141 -9.83 12.35 1.79
C ARG A 141 -8.73 11.63 1.01
N ASN A 142 -7.48 12.04 1.18
CA ASN A 142 -6.38 11.33 0.53
C ASN A 142 -6.19 9.95 1.16
N PHE A 143 -6.33 9.86 2.48
CA PHE A 143 -6.34 8.57 3.16
C PHE A 143 -7.42 7.66 2.61
N HIS A 144 -8.62 8.22 2.38
CA HIS A 144 -9.71 7.44 1.79
C HIS A 144 -9.32 6.91 0.43
N VAL A 145 -8.74 7.77 -0.42
CA VAL A 145 -8.35 7.34 -1.76
C VAL A 145 -7.28 6.26 -1.67
N PHE A 146 -6.29 6.44 -0.80
CA PHE A 146 -5.27 5.41 -0.62
C PHE A 146 -5.90 4.06 -0.34
N LEU A 147 -6.94 4.03 0.51
CA LEU A 147 -7.49 2.76 0.97
C LEU A 147 -8.37 2.08 -0.09
N GLU A 148 -9.12 2.85 -0.88
CA GLU A 148 -10.17 2.25 -1.70
C GLU A 148 -10.03 2.48 -3.20
N TYR A 149 -9.18 3.40 -3.66
CA TYR A 149 -9.13 3.64 -5.09
C TYR A 149 -8.80 2.35 -5.83
N ASP A 150 -9.55 2.10 -6.89
CA ASP A 150 -9.48 0.84 -7.63
C ASP A 150 -10.15 1.06 -8.97
N GLN A 151 -9.83 0.20 -9.94
CA GLN A 151 -10.47 0.32 -11.24
C GLN A 151 -11.98 0.17 -11.13
N SER A 152 -12.45 -0.63 -10.16
CA SER A 152 -13.86 -0.96 -10.08
C SER A 152 -14.71 0.25 -9.70
N ASN A 153 -14.16 1.18 -8.92
CA ASN A 153 -14.92 2.35 -8.47
C ASN A 153 -14.49 3.62 -9.20
N VAL A 154 -13.81 3.49 -10.34
CA VAL A 154 -13.53 4.65 -11.18
C VAL A 154 -14.85 5.25 -11.64
N SER A 155 -14.91 6.58 -11.63
CA SER A 155 -16.09 7.30 -12.09
C SER A 155 -15.68 8.31 -13.15
N TYR A 156 -16.58 8.56 -14.10
CA TYR A 156 -16.29 9.40 -15.26
C TYR A 156 -17.30 10.53 -15.35
N LYS A 157 -16.82 11.74 -15.61
CA LYS A 157 -17.65 12.92 -15.77
C LYS A 157 -17.72 13.29 -17.25
N TYR A 158 -18.93 13.39 -17.78
CA TYR A 158 -19.16 13.72 -19.18
C TYR A 158 -19.77 15.12 -19.28
N SER A 159 -19.25 15.92 -20.21
CA SER A 159 -19.71 17.28 -20.43
C SER A 159 -19.96 17.51 -21.90
N LYS A 160 -20.92 18.39 -22.21
CA LYS A 160 -21.15 18.75 -23.61
C LYS A 160 -21.62 20.19 -23.71
N VAL A 161 -21.32 20.80 -24.87
CA VAL A 161 -21.64 22.19 -25.16
C VAL A 161 -22.36 22.24 -26.51
N ASN A 162 -23.01 23.37 -26.78
CA ASN A 162 -23.60 23.63 -28.08
C ASN A 162 -22.51 23.99 -29.09
N LYS A 163 -22.83 23.84 -30.37
CA LYS A 163 -21.86 23.99 -31.45
C LYS A 163 -22.00 25.34 -32.14
N GLU A 164 -20.87 26.02 -32.31
CA GLU A 164 -20.77 27.26 -33.10
C GLU A 164 -19.35 27.82 -32.92
N GLU A 165 -18.51 27.78 -33.96
CA GLU A 165 -18.84 27.28 -35.29
C GLU A 165 -17.67 26.56 -35.95
N GLU A 166 -16.77 26.01 -35.15
CA GLU A 166 -15.58 25.36 -35.70
C GLU A 166 -15.97 24.18 -36.59
N ASN A 170 -18.44 16.30 -34.72
CA ASN A 170 -17.98 17.61 -34.27
C ASN A 170 -17.30 17.48 -32.91
N GLU A 171 -17.09 18.61 -32.24
CA GLU A 171 -16.18 18.69 -31.09
C GLU A 171 -16.86 19.39 -29.91
N THR A 172 -17.94 18.79 -29.40
CA THR A 172 -18.71 19.41 -28.34
C THR A 172 -18.66 18.67 -27.02
N GLU A 173 -17.89 17.59 -26.90
CA GLU A 173 -17.98 16.70 -25.76
C GLU A 173 -16.63 16.53 -25.07
N TRP A 174 -16.70 16.30 -23.76
CA TRP A 174 -15.51 16.07 -22.93
C TRP A 174 -15.80 14.93 -21.96
N LEU A 175 -14.77 14.13 -21.71
CA LEU A 175 -14.84 13.05 -20.74
C LEU A 175 -13.60 13.12 -19.87
N MET A 176 -13.76 12.80 -18.59
N MET A 176 -13.76 12.92 -18.57
CA MET A 176 -12.70 13.00 -17.61
CA MET A 176 -12.61 12.86 -17.70
C MET A 176 -12.97 12.10 -16.40
C MET A 176 -12.97 12.05 -16.46
N GLU A 177 -11.97 11.35 -15.95
CA GLU A 177 -12.13 10.58 -14.73
C GLU A 177 -12.22 11.52 -13.54
N GLU A 178 -13.09 11.19 -12.60
CA GLU A 178 -13.22 11.93 -11.36
C GLU A 178 -13.20 10.95 -10.19
N ILE A 179 -12.74 11.45 -9.05
CA ILE A 179 -12.76 10.66 -7.82
C ILE A 179 -14.03 10.99 -7.05
C1 GOL B . 0.33 -8.53 -2.27
O1 GOL B . 0.45 -9.91 -2.06
C2 GOL B . 0.12 -8.25 -3.76
O2 GOL B . 0.41 -9.41 -4.49
C3 GOL B . -1.30 -7.79 -4.11
O3 GOL B . -1.91 -7.10 -3.05
H11 GOL B . 1.24 -8.02 -1.94
H12 GOL B . -0.51 -8.13 -1.70
HO1 GOL B . 0.66 -10.08 -1.12
H2 GOL B . 0.80 -7.45 -4.06
HO2 GOL B . -0.24 -10.12 -4.27
H31 GOL B . -1.91 -8.66 -4.37
H32 GOL B . -1.27 -7.14 -4.99
HO3 GOL B . -2.87 -7.30 -3.03
OH JEF C . -3.84 6.82 -5.70
C2 JEF C . -2.66 6.25 -6.20
C1 JEF C . -2.80 4.73 -6.23
C3 JEF C . -1.49 6.65 -5.31
O2 JEF C . -1.19 8.00 -5.49
C5 JEF C . -0.37 8.31 -6.57
C6 JEF C . -0.34 9.83 -6.77
C4 JEF C . 1.06 7.81 -6.33
O3 JEF C . 1.94 8.54 -7.14
H11A JEF C . -3.02 4.42 -5.33
H12 JEF C . -1.96 4.34 -6.50
H13A JEF C . -3.50 4.48 -6.84
H31 JEF C . -0.72 6.11 -5.56
H32 JEF C . -1.71 6.48 -4.38
H5 JEF C . -0.72 7.90 -7.38
#